data_1AYE
#
_entry.id   1AYE
#
_cell.length_a   42.200
_cell.length_b   87.070
_cell.length_c   59.020
_cell.angle_alpha   90.00
_cell.angle_beta   99.35
_cell.angle_gamma   90.00
#
_symmetry.space_group_name_H-M   'P 1 21 1'
#
loop_
_entity.id
_entity.type
_entity.pdbx_description
1 polymer 'PROCARBOXYPEPTIDASE A2'
2 non-polymer 'ZINC ION'
3 water water
#
_entity_poly.entity_id   1
_entity_poly.type   'polypeptide(L)'
_entity_poly.pdbx_seq_one_letter_code
;LETFVGDQVLEIVPSNEEQIKNLLQLEAQEHLQLDFWKSPTTPGETAHVRVPFVNVQAVKVFLESQGIAYSIMIEDVQVL
LDKENEEMLFNRRRERSGNFNFGAYHTLEEISQEMDNLVAEHPGLVSKVNIGSSFENRPMNVLKFSTGGDKPAIWLDAGI
HAREWVTQATALWTANKIVSDYGKDPSITSILDALDIFLLPVTNPDGYVFSQTKNRMWRKTRSKVSGSLCVGVDPNRNWD
AGFGGPGASSNPCSDSYHGPSANSEVEVKSIVDFIKSHGKVKAFIILHSYSQLLMFPYGYKCTKLDDFDELSEVAQKAAQ
SLRSLHGTKYKVGPICSVIYQASGGSIDWSYDYGIKYSFAFELRDTGRYGFLLPARQILPTAEETWLGLKAIMEHVRDHP
Y
;
_entity_poly.pdbx_strand_id   A
#
loop_
_chem_comp.id
_chem_comp.type
_chem_comp.name
_chem_comp.formula
ZN non-polymer 'ZINC ION' 'Zn 2'
#
# COMPACT_ATOMS: atom_id res chain seq x y z
N LEU A 1 -13.65 15.59 12.58
CA LEU A 1 -13.55 15.63 11.10
C LEU A 1 -12.61 16.76 10.67
N GLU A 2 -11.59 16.40 9.89
CA GLU A 2 -10.61 17.35 9.37
C GLU A 2 -11.10 17.72 7.98
N THR A 3 -11.15 19.02 7.67
CA THR A 3 -11.59 19.44 6.35
C THR A 3 -10.36 19.88 5.58
N PHE A 4 -10.48 19.91 4.26
CA PHE A 4 -9.38 20.29 3.39
C PHE A 4 -9.87 21.29 2.38
N VAL A 5 -10.80 22.12 2.82
CA VAL A 5 -11.39 23.15 1.97
C VAL A 5 -10.33 24.10 1.44
N GLY A 6 -10.18 24.11 0.13
CA GLY A 6 -9.19 24.97 -0.49
C GLY A 6 -7.79 24.40 -0.67
N ASP A 7 -7.49 23.26 -0.03
CA ASP A 7 -6.17 22.63 -0.14
C ASP A 7 -5.88 22.26 -1.58
N GLN A 8 -4.65 22.52 -2.02
CA GLN A 8 -4.26 22.22 -3.38
C GLN A 8 -3.13 21.23 -3.45
N VAL A 9 -3.15 20.37 -4.45
CA VAL A 9 -2.09 19.39 -4.62
C VAL A 9 -1.32 19.90 -5.83
N LEU A 10 -0.04 20.20 -5.61
CA LEU A 10 0.83 20.71 -6.66
C LEU A 10 1.81 19.67 -7.16
N GLU A 11 2.10 19.71 -8.44
CA GLU A 11 3.04 18.77 -9.03
C GLU A 11 4.25 19.66 -9.25
N ILE A 12 5.37 19.26 -8.68
CA ILE A 12 6.59 20.00 -8.79
C ILE A 12 7.62 19.17 -9.54
N VAL A 13 8.45 19.82 -10.34
CA VAL A 13 9.47 19.12 -11.10
C VAL A 13 10.84 19.77 -10.92
N PRO A 14 11.59 19.37 -9.88
CA PRO A 14 12.92 19.94 -9.66
C PRO A 14 13.81 19.53 -10.84
N SER A 15 14.68 20.43 -11.30
CA SER A 15 15.55 20.13 -12.42
C SER A 15 17.02 19.92 -12.08
N ASN A 16 17.38 20.16 -10.82
CA ASN A 16 18.75 19.98 -10.40
C ASN A 16 18.84 19.58 -8.93
N GLU A 17 20.07 19.31 -8.49
CA GLU A 17 20.32 18.90 -7.12
C GLU A 17 19.88 19.89 -6.04
N GLU A 18 20.10 21.18 -6.28
CA GLU A 18 19.73 22.20 -5.30
C GLU A 18 18.24 22.33 -5.08
N GLN A 19 17.46 22.26 -6.15
CA GLN A 19 16.02 22.36 -6.01
C GLN A 19 15.53 21.17 -5.18
N ILE A 20 16.15 20.02 -5.36
CA ILE A 20 15.77 18.83 -4.61
C ILE A 20 16.07 19.03 -3.13
N LYS A 21 17.27 19.55 -2.85
CA LYS A 21 17.67 19.80 -1.47
C LYS A 21 16.65 20.74 -0.82
N ASN A 22 16.16 21.71 -1.60
CA ASN A 22 15.18 22.68 -1.12
C ASN A 22 13.85 22.00 -0.82
N LEU A 23 13.44 21.06 -1.66
CA LEU A 23 12.18 20.37 -1.44
C LEU A 23 12.25 19.42 -0.25
N LEU A 24 13.41 18.79 -0.05
CA LEU A 24 13.59 17.86 1.04
C LEU A 24 13.50 18.61 2.39
N GLN A 25 13.97 19.85 2.39
CA GLN A 25 13.94 20.69 3.59
C GLN A 25 12.49 20.98 3.91
N LEU A 26 11.74 21.42 2.91
CA LEU A 26 10.32 21.73 3.09
C LEU A 26 9.61 20.51 3.69
N GLU A 27 9.85 19.34 3.10
CA GLU A 27 9.26 18.10 3.56
C GLU A 27 9.65 17.82 5.01
N ALA A 28 10.91 18.11 5.33
CA ALA A 28 11.40 17.88 6.68
C ALA A 28 10.83 18.89 7.69
N GLN A 29 10.39 20.06 7.23
CA GLN A 29 9.82 21.09 8.11
C GLN A 29 8.41 20.76 8.54
N GLU A 30 8.32 19.92 9.55
CA GLU A 30 7.08 19.46 10.13
C GLU A 30 6.05 20.55 10.44
N HIS A 31 6.51 21.72 10.88
CA HIS A 31 5.60 22.80 11.21
C HIS A 31 4.88 23.50 10.07
N LEU A 32 5.33 23.26 8.84
CA LEU A 32 4.71 23.87 7.67
C LEU A 32 3.44 23.09 7.32
N GLN A 33 3.32 21.90 7.90
CA GLN A 33 2.17 21.02 7.65
C GLN A 33 1.89 20.62 6.19
N LEU A 34 2.95 20.48 5.40
CA LEU A 34 2.79 20.09 4.00
C LEU A 34 2.60 18.57 4.06
N ASP A 35 1.91 18.02 3.05
CA ASP A 35 1.65 16.59 2.97
C ASP A 35 2.15 16.10 1.61
N PHE A 36 3.34 15.52 1.59
CA PHE A 36 3.90 15.03 0.34
C PHE A 36 3.29 13.70 -0.07
N TRP A 37 2.50 13.73 -1.12
CA TRP A 37 1.85 12.54 -1.63
C TRP A 37 2.90 11.69 -2.36
N LYS A 38 3.88 12.36 -2.95
CA LYS A 38 4.96 11.71 -3.67
C LYS A 38 6.19 12.61 -3.40
N SER A 39 7.08 12.08 -2.58
CA SER A 39 8.29 12.78 -2.19
C SER A 39 9.26 13.07 -3.33
N PRO A 40 10.12 14.09 -3.17
CA PRO A 40 11.10 14.41 -4.22
C PRO A 40 12.14 13.31 -4.22
N THR A 41 12.63 12.95 -5.38
CA THR A 41 13.62 11.89 -5.48
C THR A 41 14.89 12.32 -6.20
N THR A 42 14.81 12.40 -7.53
CA THR A 42 15.96 12.79 -8.35
C THR A 42 15.58 13.91 -9.30
N PRO A 43 16.57 14.65 -9.80
CA PRO A 43 16.27 15.75 -10.73
C PRO A 43 15.49 15.21 -11.92
N GLY A 44 14.52 15.97 -12.40
CA GLY A 44 13.74 15.52 -13.54
C GLY A 44 12.49 14.75 -13.16
N GLU A 45 12.40 14.27 -11.92
CA GLU A 45 11.22 13.51 -11.47
C GLU A 45 10.23 14.38 -10.70
N THR A 46 8.95 14.17 -10.96
CA THR A 46 7.90 14.93 -10.29
C THR A 46 7.69 14.56 -8.82
N ALA A 47 7.18 15.52 -8.06
CA ALA A 47 6.90 15.35 -6.63
C ALA A 47 5.50 15.91 -6.52
N HIS A 48 4.70 15.35 -5.61
CA HIS A 48 3.33 15.83 -5.45
C HIS A 48 3.19 16.22 -4.00
N VAL A 49 2.61 17.38 -3.73
CA VAL A 49 2.43 17.84 -2.35
C VAL A 49 1.12 18.57 -2.07
N ARG A 50 0.42 18.14 -1.02
CA ARG A 50 -0.83 18.78 -0.64
C ARG A 50 -0.41 19.94 0.29
N VAL A 51 -0.82 21.15 -0.07
CA VAL A 51 -0.51 22.35 0.72
C VAL A 51 -1.80 22.87 1.34
N PRO A 52 -1.83 22.99 2.68
CA PRO A 52 -3.03 23.49 3.35
C PRO A 52 -3.41 24.86 2.79
N PHE A 53 -4.71 25.12 2.67
CA PHE A 53 -5.21 26.38 2.14
C PHE A 53 -4.48 27.63 2.62
N VAL A 54 -4.37 27.76 3.93
CA VAL A 54 -3.69 28.91 4.52
C VAL A 54 -2.25 29.14 4.03
N ASN A 55 -1.53 28.07 3.70
CA ASN A 55 -0.14 28.20 3.22
C ASN A 55 0.04 28.14 1.72
N VAL A 56 -1.03 28.06 0.95
CA VAL A 56 -0.89 27.98 -0.50
C VAL A 56 -0.05 29.08 -1.15
N GLN A 57 -0.37 30.34 -0.84
CA GLN A 57 0.36 31.49 -1.38
C GLN A 57 1.83 31.52 -0.98
N ALA A 58 2.08 31.41 0.33
CA ALA A 58 3.44 31.42 0.85
C ALA A 58 4.30 30.34 0.17
N VAL A 59 3.75 29.14 0.02
CA VAL A 59 4.52 28.06 -0.61
C VAL A 59 4.76 28.35 -2.09
N LYS A 60 3.77 28.88 -2.79
CA LYS A 60 3.93 29.19 -4.19
C LYS A 60 5.01 30.25 -4.39
N VAL A 61 4.98 31.28 -3.54
CA VAL A 61 5.96 32.37 -3.61
C VAL A 61 7.38 31.83 -3.43
N PHE A 62 7.54 30.95 -2.45
CA PHE A 62 8.83 30.34 -2.16
C PHE A 62 9.30 29.53 -3.36
N LEU A 63 8.39 28.78 -3.95
CA LEU A 63 8.71 27.96 -5.11
C LEU A 63 9.26 28.83 -6.24
N GLU A 64 8.49 29.85 -6.60
CA GLU A 64 8.89 30.76 -7.66
C GLU A 64 10.18 31.49 -7.33
N SER A 65 10.34 31.89 -6.07
CA SER A 65 11.55 32.59 -5.64
C SER A 65 12.79 31.72 -5.84
N GLN A 66 12.61 30.40 -5.87
CA GLN A 66 13.74 29.49 -6.06
C GLN A 66 13.76 29.04 -7.54
N GLY A 67 12.81 29.55 -8.30
CA GLY A 67 12.72 29.21 -9.71
C GLY A 67 12.30 27.77 -9.90
N ILE A 68 11.58 27.22 -8.92
CA ILE A 68 11.13 25.84 -9.01
C ILE A 68 9.81 25.82 -9.74
N ALA A 69 9.77 25.00 -10.79
CA ALA A 69 8.59 24.84 -11.62
C ALA A 69 7.54 23.97 -10.94
N TYR A 70 6.27 24.35 -11.08
CA TYR A 70 5.17 23.60 -10.48
C TYR A 70 3.87 23.89 -11.22
N SER A 71 2.85 23.09 -10.92
CA SER A 71 1.54 23.23 -11.52
C SER A 71 0.51 22.69 -10.52
N ILE A 72 -0.73 23.15 -10.65
CA ILE A 72 -1.81 22.71 -9.77
C ILE A 72 -2.40 21.44 -10.34
N MET A 73 -2.22 20.34 -9.62
CA MET A 73 -2.74 19.06 -10.06
C MET A 73 -4.19 18.93 -9.58
N ILE A 74 -4.43 19.22 -8.30
CA ILE A 74 -5.77 19.16 -7.74
C ILE A 74 -6.07 20.54 -7.16
N GLU A 75 -7.10 21.19 -7.69
CA GLU A 75 -7.53 22.53 -7.27
C GLU A 75 -8.04 22.66 -5.85
N ASP A 76 -8.90 21.73 -5.45
CA ASP A 76 -9.48 21.72 -4.13
C ASP A 76 -9.72 20.28 -3.70
N VAL A 77 -8.96 19.86 -2.70
CA VAL A 77 -9.04 18.51 -2.16
C VAL A 77 -10.42 18.19 -1.58
N GLN A 78 -11.07 19.17 -0.97
CA GLN A 78 -12.39 18.97 -0.36
C GLN A 78 -13.44 18.54 -1.38
N VAL A 79 -13.29 19.03 -2.61
CA VAL A 79 -14.21 18.69 -3.68
C VAL A 79 -14.25 17.18 -3.90
N LEU A 80 -13.06 16.57 -3.90
CA LEU A 80 -12.94 15.13 -4.11
C LEU A 80 -13.42 14.32 -2.91
N LEU A 81 -13.11 14.81 -1.72
CA LEU A 81 -13.49 14.14 -0.50
C LEU A 81 -15.02 14.14 -0.34
N ASP A 82 -15.66 15.22 -0.74
CA ASP A 82 -17.12 15.30 -0.63
C ASP A 82 -17.80 14.28 -1.54
N LYS A 83 -17.27 14.12 -2.74
CA LYS A 83 -17.83 13.18 -3.69
C LYS A 83 -17.63 11.76 -3.14
N GLU A 84 -16.45 11.51 -2.60
CA GLU A 84 -16.13 10.21 -2.05
C GLU A 84 -17.12 9.86 -0.94
N ASN A 85 -17.34 10.80 -0.02
CA ASN A 85 -18.27 10.59 1.09
C ASN A 85 -19.70 10.35 0.60
N GLU A 86 -20.12 11.15 -0.38
CA GLU A 86 -21.45 11.02 -0.94
C GLU A 86 -21.69 9.66 -1.60
N GLU A 87 -20.77 9.25 -2.48
CA GLU A 87 -20.90 7.97 -3.15
C GLU A 87 -20.83 6.82 -2.15
N MET A 88 -20.05 6.98 -1.10
CA MET A 88 -19.89 5.97 -0.06
C MET A 88 -21.18 5.71 0.74
N LEU A 89 -21.86 6.79 1.16
CA LEU A 89 -23.11 6.66 1.92
C LEU A 89 -24.25 6.17 1.04
N PHE A 90 -24.24 6.55 -0.23
CA PHE A 90 -25.25 6.14 -1.19
C PHE A 90 -25.20 4.63 -1.28
N ASN A 91 -23.97 4.10 -1.41
CA ASN A 91 -23.75 2.67 -1.51
C ASN A 91 -24.15 1.98 -0.22
N ARG A 92 -23.83 2.60 0.90
CA ARG A 92 -24.16 2.03 2.19
C ARG A 92 -25.67 1.84 2.34
N ARG A 93 -26.45 2.82 1.88
CA ARG A 93 -27.89 2.70 1.99
C ARG A 93 -28.38 1.57 1.09
N ARG A 94 -27.85 1.47 -0.13
CA ARG A 94 -28.27 0.41 -1.03
C ARG A 94 -27.86 -0.99 -0.55
N GLU A 95 -26.80 -1.09 0.24
CA GLU A 95 -26.38 -2.39 0.73
C GLU A 95 -27.26 -2.88 1.89
N ARG A 96 -28.16 -2.02 2.36
CA ARG A 96 -29.10 -2.34 3.45
C ARG A 96 -30.07 -3.42 3.01
N SER A 97 -30.30 -3.51 1.71
CA SER A 97 -31.22 -4.51 1.20
C SER A 97 -30.51 -5.36 0.18
N GLY A 98 -29.58 -4.73 -0.54
CA GLY A 98 -28.82 -5.42 -1.56
C GLY A 98 -27.58 -6.19 -1.11
N ASN A 99 -26.82 -6.66 -2.09
CA ASN A 99 -25.61 -7.41 -1.80
C ASN A 99 -24.42 -6.48 -1.59
N PHE A 100 -23.34 -7.05 -1.11
CA PHE A 100 -22.13 -6.32 -0.86
C PHE A 100 -21.57 -5.93 -2.24
N ASN A 101 -21.32 -4.64 -2.42
CA ASN A 101 -20.78 -4.13 -3.67
C ASN A 101 -19.26 -3.97 -3.51
N PHE A 102 -18.50 -4.81 -4.21
CA PHE A 102 -17.04 -4.76 -4.13
C PHE A 102 -16.47 -3.51 -4.80
N GLY A 103 -17.28 -2.84 -5.60
CA GLY A 103 -16.85 -1.64 -6.27
C GLY A 103 -17.18 -0.42 -5.44
N ALA A 104 -16.87 -0.47 -4.15
CA ALA A 104 -17.14 0.64 -3.25
C ALA A 104 -16.27 0.52 -2.02
N TYR A 105 -16.09 1.65 -1.32
CA TYR A 105 -15.27 1.69 -0.11
C TYR A 105 -16.16 1.35 1.08
N HIS A 106 -15.64 0.58 2.01
CA HIS A 106 -16.41 0.18 3.19
C HIS A 106 -15.68 0.50 4.47
N THR A 107 -16.40 0.35 5.59
CA THR A 107 -15.84 0.61 6.90
C THR A 107 -15.15 -0.69 7.35
N LEU A 108 -14.30 -0.58 8.37
CA LEU A 108 -13.59 -1.76 8.85
C LEU A 108 -14.57 -2.87 9.25
N GLU A 109 -15.65 -2.49 9.91
CA GLU A 109 -16.66 -3.46 10.34
C GLU A 109 -17.29 -4.18 9.15
N GLU A 110 -17.63 -3.42 8.11
CA GLU A 110 -18.24 -3.99 6.92
C GLU A 110 -17.26 -4.95 6.24
N ILE A 111 -15.99 -4.60 6.23
CA ILE A 111 -14.99 -5.46 5.63
C ILE A 111 -14.90 -6.78 6.41
N SER A 112 -14.85 -6.69 7.73
CA SER A 112 -14.75 -7.89 8.56
C SER A 112 -15.97 -8.77 8.40
N GLN A 113 -17.13 -8.15 8.32
CA GLN A 113 -18.38 -8.87 8.18
C GLN A 113 -18.32 -9.71 6.87
N GLU A 114 -17.86 -9.07 5.79
CA GLU A 114 -17.75 -9.74 4.50
C GLU A 114 -16.73 -10.88 4.53
N MET A 115 -15.66 -10.73 5.30
CA MET A 115 -14.64 -11.78 5.41
C MET A 115 -15.26 -13.00 6.11
N ASP A 116 -16.11 -12.76 7.10
CA ASP A 116 -16.76 -13.85 7.83
C ASP A 116 -17.77 -14.54 6.92
N ASN A 117 -18.43 -13.79 6.06
CA ASN A 117 -19.40 -14.36 5.14
C ASN A 117 -18.68 -15.27 4.16
N LEU A 118 -17.54 -14.82 3.66
CA LEU A 118 -16.75 -15.58 2.71
C LEU A 118 -16.35 -16.94 3.30
N VAL A 119 -15.91 -16.94 4.55
CA VAL A 119 -15.48 -18.16 5.26
C VAL A 119 -16.71 -19.08 5.48
N ALA A 120 -17.83 -18.45 5.82
CA ALA A 120 -19.08 -19.16 6.07
C ALA A 120 -19.59 -19.86 4.82
N GLU A 121 -19.50 -19.19 3.68
CA GLU A 121 -19.95 -19.76 2.42
C GLU A 121 -19.02 -20.79 1.77
N HIS A 122 -17.73 -20.80 2.13
CA HIS A 122 -16.75 -21.74 1.55
C HIS A 122 -15.83 -22.32 2.58
N PRO A 123 -16.41 -23.01 3.58
CA PRO A 123 -15.66 -23.63 4.68
C PRO A 123 -14.53 -24.61 4.32
N GLY A 124 -14.62 -25.25 3.15
CA GLY A 124 -13.58 -26.19 2.78
C GLY A 124 -12.36 -25.63 2.05
N LEU A 125 -12.40 -24.33 1.76
CA LEU A 125 -11.30 -23.67 1.06
C LEU A 125 -10.76 -22.44 1.80
N VAL A 126 -11.64 -21.71 2.48
CA VAL A 126 -11.24 -20.52 3.21
C VAL A 126 -11.42 -20.61 4.73
N SER A 127 -10.45 -20.10 5.47
CA SER A 127 -10.51 -20.10 6.92
C SER A 127 -9.91 -18.77 7.41
N LYS A 128 -10.29 -18.35 8.61
CA LYS A 128 -9.79 -17.11 9.18
C LYS A 128 -8.70 -17.42 10.19
N VAL A 129 -7.56 -16.74 10.08
CA VAL A 129 -6.47 -16.97 10.99
C VAL A 129 -6.14 -15.66 11.73
N ASN A 130 -6.10 -15.71 13.06
CA ASN A 130 -5.79 -14.52 13.83
C ASN A 130 -4.29 -14.55 14.11
N ILE A 131 -3.57 -13.50 13.72
CA ILE A 131 -2.12 -13.46 13.94
C ILE A 131 -1.68 -12.48 15.03
N GLY A 132 -2.63 -11.80 15.64
CA GLY A 132 -2.28 -10.86 16.68
C GLY A 132 -3.30 -9.76 16.81
N SER A 133 -2.90 -8.64 17.40
CA SER A 133 -3.78 -7.49 17.58
C SER A 133 -3.03 -6.20 17.29
N SER A 134 -3.76 -5.16 16.90
CA SER A 134 -3.17 -3.87 16.60
C SER A 134 -2.91 -3.14 17.91
N PHE A 135 -2.32 -1.95 17.81
CA PHE A 135 -2.02 -1.15 19.00
C PHE A 135 -3.28 -0.88 19.81
N GLU A 136 -4.36 -0.54 19.12
CA GLU A 136 -5.62 -0.25 19.77
C GLU A 136 -6.48 -1.50 20.00
N ASN A 137 -5.84 -2.65 20.05
CA ASN A 137 -6.51 -3.94 20.29
C ASN A 137 -7.47 -4.53 19.26
N ARG A 138 -7.27 -4.21 17.98
CA ARG A 138 -8.15 -4.76 16.94
C ARG A 138 -7.46 -6.03 16.44
N PRO A 139 -8.23 -7.09 16.14
CA PRO A 139 -7.61 -8.33 15.66
C PRO A 139 -7.00 -8.21 14.27
N MET A 140 -5.87 -8.86 14.09
CA MET A 140 -5.17 -8.88 12.82
C MET A 140 -5.65 -10.21 12.22
N ASN A 141 -6.69 -10.13 11.39
CA ASN A 141 -7.28 -11.30 10.74
C ASN A 141 -6.84 -11.51 9.30
N VAL A 142 -6.28 -12.68 9.06
CA VAL A 142 -5.78 -13.12 7.76
C VAL A 142 -6.68 -14.22 7.19
N LEU A 143 -6.92 -14.19 5.87
CA LEU A 143 -7.74 -15.21 5.23
C LEU A 143 -6.77 -16.24 4.67
N LYS A 144 -6.98 -17.51 5.01
CA LYS A 144 -6.11 -18.56 4.52
C LYS A 144 -6.88 -19.39 3.50
N PHE A 145 -6.38 -19.41 2.27
CA PHE A 145 -7.03 -20.19 1.20
C PHE A 145 -6.17 -21.43 1.09
N SER A 146 -6.78 -22.59 1.26
CA SER A 146 -6.01 -23.82 1.18
C SER A 146 -6.82 -25.05 0.82
N THR A 147 -6.16 -26.01 0.18
CA THR A 147 -6.84 -27.23 -0.20
C THR A 147 -6.42 -28.30 0.82
N GLY A 148 -5.56 -27.94 1.76
CA GLY A 148 -5.11 -28.86 2.78
C GLY A 148 -3.65 -29.20 2.72
N GLY A 149 -3.15 -29.90 3.74
CA GLY A 149 -1.75 -30.29 3.78
C GLY A 149 -0.81 -29.25 4.36
N ASP A 150 0.48 -29.58 4.36
CA ASP A 150 1.52 -28.71 4.88
C ASP A 150 2.22 -28.15 3.64
N LYS A 151 1.59 -27.17 3.02
CA LYS A 151 2.10 -26.54 1.80
C LYS A 151 2.95 -25.29 1.97
N PRO A 152 3.72 -24.95 0.93
CA PRO A 152 4.50 -23.72 1.02
C PRO A 152 3.40 -22.66 0.83
N ALA A 153 3.69 -21.38 1.08
CA ALA A 153 2.64 -20.37 0.92
C ALA A 153 3.04 -19.07 0.25
N ILE A 154 2.01 -18.33 -0.12
CA ILE A 154 2.17 -17.03 -0.77
C ILE A 154 1.52 -16.03 0.21
N TRP A 155 2.24 -14.96 0.53
CA TRP A 155 1.71 -13.95 1.45
C TRP A 155 1.32 -12.70 0.67
N LEU A 156 0.13 -12.19 0.94
CA LEU A 156 -0.37 -10.99 0.27
C LEU A 156 -1.03 -10.06 1.30
N ASP A 157 -0.59 -8.80 1.38
CA ASP A 157 -1.20 -7.88 2.33
C ASP A 157 -1.58 -6.57 1.67
N ALA A 158 -2.48 -5.84 2.31
CA ALA A 158 -2.93 -4.56 1.79
C ALA A 158 -3.20 -3.61 2.94
N GLY A 159 -3.30 -2.33 2.62
CA GLY A 159 -3.57 -1.31 3.61
C GLY A 159 -2.61 -1.03 4.76
N ILE A 160 -1.32 -1.29 4.59
CA ILE A 160 -0.35 -1.01 5.66
C ILE A 160 -0.36 0.53 5.89
N HIS A 161 -0.61 1.29 4.82
CA HIS A 161 -0.68 2.75 4.89
C HIS A 161 -2.18 3.02 4.83
N ALA A 162 -2.73 3.52 5.92
CA ALA A 162 -4.15 3.83 6.05
C ALA A 162 -4.90 4.50 4.92
N ARG A 163 -4.40 5.61 4.40
CA ARG A 163 -5.06 6.36 3.32
C ARG A 163 -5.14 5.78 1.91
N GLU A 164 -4.42 4.69 1.67
CA GLU A 164 -4.36 4.01 0.36
C GLU A 164 -5.54 3.07 0.21
N TRP A 165 -6.75 3.64 0.31
CA TRP A 165 -8.03 2.94 0.23
C TRP A 165 -8.28 1.91 -0.86
N VAL A 166 -7.81 2.17 -2.06
CA VAL A 166 -8.01 1.24 -3.15
C VAL A 166 -7.33 -0.12 -2.85
N THR A 167 -6.36 -0.14 -1.93
CA THR A 167 -5.68 -1.40 -1.61
C THR A 167 -6.56 -2.37 -0.81
N GLN A 168 -7.22 -1.87 0.23
CA GLN A 168 -8.07 -2.74 1.03
C GLN A 168 -9.23 -3.24 0.16
N ALA A 169 -9.75 -2.33 -0.68
CA ALA A 169 -10.85 -2.68 -1.57
C ALA A 169 -10.42 -3.74 -2.57
N THR A 170 -9.21 -3.58 -3.12
CA THR A 170 -8.67 -4.53 -4.09
C THR A 170 -8.42 -5.91 -3.44
N ALA A 171 -7.98 -5.92 -2.19
CA ALA A 171 -7.70 -7.16 -1.47
C ALA A 171 -8.98 -7.93 -1.21
N LEU A 172 -10.06 -7.23 -0.87
CA LEU A 172 -11.32 -7.90 -0.60
C LEU A 172 -11.90 -8.52 -1.91
N TRP A 173 -11.80 -7.78 -3.02
CA TRP A 173 -12.29 -8.24 -4.31
C TRP A 173 -11.49 -9.48 -4.71
N THR A 174 -10.19 -9.45 -4.44
CA THR A 174 -9.29 -10.57 -4.75
C THR A 174 -9.70 -11.84 -4.02
N ALA A 175 -10.10 -11.70 -2.75
CA ALA A 175 -10.53 -12.84 -1.94
C ALA A 175 -11.78 -13.44 -2.61
N ASN A 176 -12.69 -12.61 -3.09
CA ASN A 176 -13.88 -13.14 -3.72
C ASN A 176 -13.55 -13.80 -5.04
N LYS A 177 -12.60 -13.21 -5.75
CA LYS A 177 -12.17 -13.71 -7.04
C LYS A 177 -11.53 -15.12 -6.92
N ILE A 178 -10.67 -15.32 -5.91
CA ILE A 178 -10.05 -16.63 -5.74
C ILE A 178 -11.11 -17.72 -5.56
N VAL A 179 -12.04 -17.52 -4.62
CA VAL A 179 -13.10 -18.51 -4.37
C VAL A 179 -14.07 -18.68 -5.54
N SER A 180 -14.20 -17.65 -6.37
CA SER A 180 -15.10 -17.72 -7.52
C SER A 180 -14.49 -18.50 -8.68
N ASP A 181 -13.17 -18.42 -8.81
CA ASP A 181 -12.52 -19.12 -9.90
C ASP A 181 -11.95 -20.47 -9.52
N TYR A 182 -11.81 -20.75 -8.23
CA TYR A 182 -11.26 -22.04 -7.86
C TYR A 182 -12.17 -23.17 -8.36
N GLY A 183 -11.55 -24.17 -8.98
CA GLY A 183 -12.29 -25.31 -9.52
C GLY A 183 -12.93 -25.00 -10.86
N LYS A 184 -12.68 -23.81 -11.38
CA LYS A 184 -13.22 -23.37 -12.67
C LYS A 184 -12.07 -23.05 -13.61
N ASP A 185 -11.16 -22.19 -13.14
CA ASP A 185 -9.99 -21.78 -13.90
C ASP A 185 -8.86 -22.76 -13.58
N PRO A 186 -8.31 -23.45 -14.59
CA PRO A 186 -7.24 -24.42 -14.34
C PRO A 186 -5.99 -23.81 -13.67
N SER A 187 -5.72 -22.55 -13.93
CA SER A 187 -4.55 -21.93 -13.35
C SER A 187 -4.69 -21.69 -11.85
N ILE A 188 -5.74 -21.01 -11.42
CA ILE A 188 -5.92 -20.76 -9.99
C ILE A 188 -6.09 -22.09 -9.26
N THR A 189 -6.69 -23.07 -9.93
CA THR A 189 -6.89 -24.37 -9.32
C THR A 189 -5.53 -25.04 -9.06
N SER A 190 -4.63 -25.01 -10.05
CA SER A 190 -3.31 -25.63 -9.87
C SER A 190 -2.46 -24.88 -8.87
N ILE A 191 -2.57 -23.54 -8.84
CA ILE A 191 -1.80 -22.75 -7.90
C ILE A 191 -2.22 -23.18 -6.47
N LEU A 192 -3.53 -23.21 -6.20
CA LEU A 192 -4.02 -23.60 -4.88
C LEU A 192 -3.78 -25.06 -4.52
N ASP A 193 -3.63 -25.92 -5.52
CA ASP A 193 -3.37 -27.33 -5.25
C ASP A 193 -1.92 -27.47 -4.78
N ALA A 194 -1.07 -26.52 -5.18
CA ALA A 194 0.34 -26.50 -4.84
C ALA A 194 0.73 -25.60 -3.67
N LEU A 195 -0.01 -24.52 -3.45
CA LEU A 195 0.31 -23.61 -2.35
C LEU A 195 -0.90 -23.05 -1.66
N ASP A 196 -0.66 -22.51 -0.45
CA ASP A 196 -1.69 -21.89 0.35
C ASP A 196 -1.49 -20.41 0.07
N ILE A 197 -2.56 -19.63 0.22
CA ILE A 197 -2.46 -18.19 0.00
C ILE A 197 -3.00 -17.55 1.28
N PHE A 198 -2.21 -16.65 1.87
CA PHE A 198 -2.59 -15.94 3.10
C PHE A 198 -2.81 -14.50 2.63
N LEU A 199 -3.98 -13.96 2.94
CA LEU A 199 -4.34 -12.60 2.56
C LEU A 199 -4.78 -11.75 3.73
N LEU A 200 -4.07 -10.65 3.96
CA LEU A 200 -4.38 -9.72 5.05
C LEU A 200 -4.91 -8.46 4.37
N PRO A 201 -6.23 -8.28 4.33
CA PRO A 201 -6.85 -7.11 3.69
C PRO A 201 -6.62 -5.74 4.37
N VAL A 202 -6.57 -5.72 5.69
CA VAL A 202 -6.36 -4.48 6.43
C VAL A 202 -5.18 -4.67 7.37
N THR A 203 -3.99 -4.31 6.90
CA THR A 203 -2.78 -4.46 7.72
C THR A 203 -2.63 -3.42 8.85
N ASN A 204 -3.29 -2.27 8.70
CA ASN A 204 -3.23 -1.18 9.69
C ASN A 204 -4.68 -0.78 10.01
N PRO A 205 -5.40 -1.61 10.79
CA PRO A 205 -6.78 -1.29 11.13
C PRO A 205 -7.03 -0.01 11.93
N ASP A 206 -6.14 0.33 12.85
CA ASP A 206 -6.29 1.55 13.67
C ASP A 206 -6.20 2.78 12.79
N GLY A 207 -5.19 2.82 11.92
CA GLY A 207 -5.03 3.94 11.02
C GLY A 207 -6.21 4.05 10.07
N TYR A 208 -6.74 2.92 9.60
CA TYR A 208 -7.88 2.95 8.69
C TYR A 208 -9.11 3.58 9.36
N VAL A 209 -9.42 3.12 10.58
CA VAL A 209 -10.56 3.64 11.33
C VAL A 209 -10.38 5.16 11.50
N PHE A 210 -9.16 5.56 11.85
CA PHE A 210 -8.85 6.99 12.02
C PHE A 210 -9.00 7.81 10.74
N SER A 211 -8.65 7.24 9.59
CA SER A 211 -8.77 7.97 8.31
C SER A 211 -10.21 8.15 7.88
N GLN A 212 -11.09 7.28 8.39
CA GLN A 212 -12.50 7.36 8.04
C GLN A 212 -13.27 8.22 9.02
N THR A 213 -12.82 8.23 10.26
CA THR A 213 -13.47 8.99 11.31
C THR A 213 -12.90 10.39 11.62
N LYS A 214 -11.58 10.52 11.59
CA LYS A 214 -10.96 11.78 11.90
C LYS A 214 -10.12 12.50 10.85
N ASN A 215 -9.22 11.80 10.18
CA ASN A 215 -8.38 12.45 9.17
C ASN A 215 -8.10 11.55 7.96
N ARG A 216 -8.71 11.91 6.83
CA ARG A 216 -8.58 11.18 5.57
C ARG A 216 -7.16 11.04 5.05
N MET A 217 -6.28 11.95 5.45
CA MET A 217 -4.88 11.92 5.00
C MET A 217 -3.92 11.13 5.88
N TRP A 218 -4.40 10.50 6.95
CA TRP A 218 -3.55 9.72 7.84
C TRP A 218 -2.95 8.49 7.15
N ARG A 219 -1.69 8.20 7.44
CA ARG A 219 -1.03 7.05 6.82
C ARG A 219 -0.35 6.12 7.80
N LYS A 220 0.08 6.65 8.93
CA LYS A 220 0.78 5.86 9.95
C LYS A 220 -0.12 5.00 10.87
N THR A 221 0.53 4.31 11.80
CA THR A 221 -0.18 3.47 12.77
C THR A 221 -0.70 4.51 13.81
N ARG A 222 -1.22 4.05 14.94
CA ARG A 222 -1.72 4.96 15.96
C ARG A 222 -1.03 4.71 17.30
N SER A 223 0.18 4.15 17.29
CA SER A 223 0.87 3.88 18.53
C SER A 223 1.26 5.19 19.27
N LYS A 224 1.34 5.09 20.59
CA LYS A 224 1.68 6.22 21.45
C LYS A 224 3.17 6.16 21.81
N VAL A 225 3.87 7.24 21.47
CA VAL A 225 5.30 7.34 21.72
C VAL A 225 5.64 7.92 23.11
N SER A 226 6.51 7.21 23.82
CA SER A 226 6.94 7.61 25.15
C SER A 226 7.78 8.89 25.08
N GLY A 227 7.19 10.00 25.49
CA GLY A 227 7.90 11.27 25.47
C GLY A 227 7.65 12.14 24.26
N SER A 228 6.57 11.85 23.53
CA SER A 228 6.23 12.63 22.34
C SER A 228 4.71 12.81 22.28
N LEU A 229 4.27 14.02 21.93
CA LEU A 229 2.84 14.29 21.83
C LEU A 229 2.39 13.92 20.40
N CYS A 230 3.32 13.34 19.64
CA CYS A 230 3.02 12.93 18.29
C CYS A 230 2.63 11.46 18.31
N VAL A 231 1.83 11.08 17.32
CA VAL A 231 1.34 9.72 17.20
C VAL A 231 1.70 8.95 15.91
N GLY A 232 1.93 7.65 16.08
CA GLY A 232 2.26 6.80 14.95
C GLY A 232 3.64 6.69 14.36
N VAL A 233 3.80 5.57 13.63
CA VAL A 233 5.03 5.22 12.96
C VAL A 233 4.66 4.78 11.54
N ASP A 234 5.52 5.03 10.57
CA ASP A 234 5.25 4.64 9.19
C ASP A 234 5.52 3.12 9.25
N PRO A 235 4.45 2.28 9.16
CA PRO A 235 4.68 0.84 9.23
C PRO A 235 5.60 0.25 8.15
N ASN A 236 5.79 0.96 7.04
CA ASN A 236 6.68 0.46 5.98
C ASN A 236 8.11 0.94 6.10
N ARG A 237 8.48 1.44 7.27
CA ARG A 237 9.83 1.93 7.52
C ARG A 237 10.26 1.35 8.86
N ASN A 238 9.43 0.46 9.39
CA ASN A 238 9.66 -0.17 10.68
C ASN A 238 10.30 -1.59 10.64
N TRP A 239 10.48 -2.15 9.46
CA TRP A 239 11.06 -3.48 9.36
C TRP A 239 12.57 -3.51 9.55
N ASP A 240 13.05 -4.71 9.87
CA ASP A 240 14.47 -4.95 10.10
C ASP A 240 15.22 -5.13 8.81
N ALA A 241 15.37 -4.03 8.06
CA ALA A 241 16.06 -4.04 6.77
C ALA A 241 16.69 -2.65 6.63
N GLY A 242 17.94 -2.52 7.08
CA GLY A 242 18.60 -1.23 6.99
C GLY A 242 17.82 -0.25 7.86
N PHE A 243 17.27 -0.76 8.95
CA PHE A 243 16.48 0.05 9.86
C PHE A 243 17.16 1.30 10.39
N GLY A 244 16.46 2.43 10.29
CA GLY A 244 16.97 3.71 10.75
C GLY A 244 17.88 4.44 9.77
N GLY A 245 18.28 3.74 8.70
CA GLY A 245 19.15 4.35 7.71
C GLY A 245 18.47 5.38 6.84
N PRO A 246 19.21 5.97 5.88
CA PRO A 246 18.67 6.98 4.98
C PRO A 246 17.41 6.50 4.28
N GLY A 247 16.47 7.42 4.14
CA GLY A 247 15.20 7.12 3.50
C GLY A 247 14.11 6.89 4.53
N ALA A 248 14.24 7.50 5.71
CA ALA A 248 13.30 7.40 6.82
C ALA A 248 13.60 8.57 7.75
N SER A 249 12.64 8.95 8.58
CA SER A 249 12.85 10.05 9.51
C SER A 249 12.84 9.60 10.98
N SER A 250 13.64 10.29 11.80
CA SER A 250 13.73 9.99 13.22
C SER A 250 12.82 10.90 14.02
N ASN A 251 12.16 11.83 13.34
CA ASN A 251 11.24 12.77 13.98
C ASN A 251 9.90 12.06 14.16
N PRO A 252 9.47 11.87 15.41
CA PRO A 252 8.20 11.20 15.73
C PRO A 252 6.98 11.83 15.06
N CYS A 253 7.10 13.12 14.78
CA CYS A 253 6.03 13.87 14.15
C CYS A 253 6.03 13.85 12.64
N SER A 254 6.97 13.11 12.08
CA SER A 254 7.07 12.99 10.63
C SER A 254 6.19 11.82 10.16
N ASP A 255 5.65 11.92 8.95
CA ASP A 255 4.80 10.85 8.41
C ASP A 255 5.68 9.69 7.95
N SER A 256 7.00 9.91 7.96
CA SER A 256 7.98 8.90 7.57
C SER A 256 8.80 8.43 8.74
N TYR A 257 8.31 8.62 9.95
CA TYR A 257 9.00 8.22 11.16
C TYR A 257 9.18 6.70 11.18
N HIS A 258 10.41 6.24 11.41
CA HIS A 258 10.71 4.80 11.46
C HIS A 258 10.35 4.07 12.75
N GLY A 259 10.06 4.80 13.82
CA GLY A 259 9.73 4.12 15.06
C GLY A 259 10.94 4.01 15.96
N PRO A 260 10.74 3.72 17.24
CA PRO A 260 11.84 3.60 18.20
C PRO A 260 12.81 2.47 17.94
N SER A 261 12.33 1.40 17.32
CA SER A 261 13.19 0.26 17.01
C SER A 261 12.53 -0.58 15.94
N ALA A 262 13.29 -1.47 15.33
CA ALA A 262 12.75 -2.32 14.28
C ALA A 262 11.68 -3.23 14.88
N ASN A 263 10.55 -3.35 14.19
CA ASN A 263 9.44 -4.18 14.64
C ASN A 263 8.80 -3.67 15.92
N SER A 264 8.90 -2.37 16.16
CA SER A 264 8.30 -1.80 17.36
C SER A 264 6.79 -1.82 17.24
N GLU A 265 6.26 -1.77 16.01
CA GLU A 265 4.81 -1.78 15.80
C GLU A 265 4.28 -3.20 15.87
N VAL A 266 3.29 -3.43 16.74
CA VAL A 266 2.69 -4.74 16.91
C VAL A 266 2.11 -5.30 15.62
N GLU A 267 1.62 -4.41 14.76
CA GLU A 267 1.06 -4.84 13.48
C GLU A 267 2.17 -5.49 12.67
N VAL A 268 3.36 -4.90 12.68
CA VAL A 268 4.52 -5.41 11.95
C VAL A 268 5.07 -6.67 12.62
N LYS A 269 5.19 -6.62 13.94
CA LYS A 269 5.70 -7.74 14.72
C LYS A 269 4.84 -8.99 14.47
N SER A 270 3.52 -8.81 14.39
CA SER A 270 2.58 -9.91 14.15
C SER A 270 2.91 -10.63 12.84
N ILE A 271 3.15 -9.84 11.80
CA ILE A 271 3.48 -10.39 10.49
C ILE A 271 4.81 -11.13 10.52
N VAL A 272 5.84 -10.48 11.05
CA VAL A 272 7.17 -11.08 11.14
C VAL A 272 7.11 -12.43 11.90
N ASP A 273 6.41 -12.46 13.03
CA ASP A 273 6.29 -13.67 13.81
C ASP A 273 5.53 -14.76 13.08
N PHE A 274 4.45 -14.40 12.38
CA PHE A 274 3.67 -15.38 11.64
C PHE A 274 4.55 -16.04 10.57
N ILE A 275 5.30 -15.22 9.84
CA ILE A 275 6.18 -15.70 8.78
C ILE A 275 7.31 -16.60 9.32
N LYS A 276 7.91 -16.23 10.44
CA LYS A 276 8.98 -17.02 11.02
C LYS A 276 8.43 -18.35 11.53
N SER A 277 7.22 -18.31 12.10
CA SER A 277 6.58 -19.51 12.63
C SER A 277 6.14 -20.45 11.53
N HIS A 278 5.62 -19.89 10.43
CA HIS A 278 5.17 -20.68 9.29
C HIS A 278 6.34 -21.45 8.71
N GLY A 279 7.42 -20.72 8.44
CA GLY A 279 8.60 -21.36 7.88
C GLY A 279 8.63 -21.75 6.41
N LYS A 280 7.48 -21.73 5.72
CA LYS A 280 7.46 -22.09 4.30
C LYS A 280 6.84 -21.05 3.38
N VAL A 281 7.00 -19.77 3.69
CA VAL A 281 6.45 -18.71 2.85
C VAL A 281 7.44 -18.53 1.69
N LYS A 282 6.95 -18.67 0.46
CA LYS A 282 7.76 -18.55 -0.73
C LYS A 282 7.63 -17.24 -1.51
N ALA A 283 6.53 -16.52 -1.32
CA ALA A 283 6.34 -15.24 -2.02
C ALA A 283 5.73 -14.29 -1.02
N PHE A 284 6.06 -13.00 -1.14
CA PHE A 284 5.56 -11.95 -0.23
C PHE A 284 5.21 -10.78 -1.14
N ILE A 285 3.94 -10.44 -1.23
CA ILE A 285 3.47 -9.33 -2.09
C ILE A 285 2.71 -8.33 -1.24
N ILE A 286 3.05 -7.06 -1.40
CA ILE A 286 2.42 -6.01 -0.65
C ILE A 286 1.77 -4.94 -1.55
N LEU A 287 0.51 -4.58 -1.24
CA LEU A 287 -0.22 -3.59 -2.03
C LEU A 287 -0.28 -2.18 -1.43
N HIS A 288 0.00 -1.19 -2.26
CA HIS A 288 -0.01 0.23 -1.89
C HIS A 288 -0.60 1.01 -3.06
N SER A 289 -0.68 2.33 -2.90
CA SER A 289 -1.19 3.25 -3.93
C SER A 289 -0.57 4.59 -3.51
N TYR A 290 -0.31 5.51 -4.44
CA TYR A 290 -0.55 5.36 -5.88
C TYR A 290 0.77 5.63 -6.58
N SER A 291 0.78 5.41 -7.90
CA SER A 291 1.93 5.60 -8.80
C SER A 291 2.07 4.62 -9.96
N GLN A 292 1.39 3.48 -9.88
CA GLN A 292 1.45 2.46 -10.94
C GLN A 292 2.87 1.94 -11.11
N LEU A 293 3.40 1.32 -10.06
CA LEU A 293 4.74 0.76 -10.06
C LEU A 293 4.68 -0.68 -9.55
N LEU A 294 5.60 -1.50 -10.04
CA LEU A 294 5.71 -2.91 -9.65
C LEU A 294 7.21 -3.00 -9.35
N MET A 295 7.51 -3.08 -8.06
CA MET A 295 8.89 -3.15 -7.61
C MET A 295 9.31 -4.38 -6.83
N PHE A 296 10.62 -4.56 -6.72
CA PHE A 296 11.24 -5.67 -6.00
C PHE A 296 12.41 -5.03 -5.24
N PRO A 297 13.08 -5.76 -4.33
CA PRO A 297 14.22 -5.17 -3.58
C PRO A 297 15.41 -4.74 -4.47
N TYR A 298 16.29 -3.86 -3.97
CA TYR A 298 16.18 -3.28 -2.62
C TYR A 298 15.82 -1.80 -2.61
N GLY A 299 15.43 -1.35 -1.44
CA GLY A 299 15.06 0.04 -1.25
C GLY A 299 16.12 0.67 -0.35
N TYR A 300 16.59 -0.07 0.68
CA TYR A 300 17.60 0.47 1.60
C TYR A 300 19.01 0.67 1.04
N LYS A 301 19.33 -0.07 -0.02
CA LYS A 301 20.64 0.03 -0.68
C LYS A 301 20.28 -0.03 -2.15
N CYS A 302 21.09 0.61 -2.98
CA CYS A 302 20.82 0.62 -4.41
C CYS A 302 21.67 -0.25 -5.32
N THR A 303 22.10 -1.39 -4.81
CA THR A 303 22.92 -2.33 -5.58
C THR A 303 21.92 -3.40 -5.99
N LYS A 304 22.21 -4.10 -7.09
CA LYS A 304 21.33 -5.14 -7.57
C LYS A 304 21.35 -6.37 -6.67
N LEU A 305 20.18 -6.92 -6.37
CA LEU A 305 20.12 -8.11 -5.51
C LEU A 305 20.52 -9.34 -6.34
N ASP A 306 20.83 -10.44 -5.65
CA ASP A 306 21.22 -11.68 -6.29
C ASP A 306 20.34 -12.18 -7.44
N ASP A 307 19.04 -12.15 -7.21
CA ASP A 307 18.12 -12.61 -8.24
C ASP A 307 17.55 -11.54 -9.16
N PHE A 308 18.35 -10.50 -9.40
CA PHE A 308 17.91 -9.41 -10.26
C PHE A 308 17.32 -9.80 -11.60
N ASP A 309 18.04 -10.59 -12.37
CA ASP A 309 17.53 -10.98 -13.68
C ASP A 309 16.20 -11.70 -13.68
N GLU A 310 16.03 -12.64 -12.77
CA GLU A 310 14.78 -13.40 -12.69
C GLU A 310 13.64 -12.52 -12.22
N LEU A 311 13.87 -11.74 -11.17
CA LEU A 311 12.83 -10.86 -10.64
C LEU A 311 12.38 -9.83 -11.67
N SER A 312 13.36 -9.32 -12.42
CA SER A 312 13.11 -8.33 -13.45
C SER A 312 12.20 -8.94 -14.51
N GLU A 313 12.52 -10.18 -14.90
CA GLU A 313 11.75 -10.91 -15.91
C GLU A 313 10.31 -11.15 -15.43
N VAL A 314 10.18 -11.61 -14.19
CA VAL A 314 8.88 -11.89 -13.58
C VAL A 314 8.01 -10.62 -13.51
N ALA A 315 8.57 -9.54 -12.97
CA ALA A 315 7.84 -8.28 -12.84
C ALA A 315 7.41 -7.72 -14.20
N GLN A 316 8.27 -7.89 -15.20
CA GLN A 316 7.98 -7.39 -16.55
C GLN A 316 6.78 -8.15 -17.13
N LYS A 317 6.77 -9.46 -16.90
CA LYS A 317 5.69 -10.33 -17.37
C LYS A 317 4.37 -9.92 -16.71
N ALA A 318 4.42 -9.75 -15.39
CA ALA A 318 3.24 -9.36 -14.62
C ALA A 318 2.73 -7.99 -15.09
N ALA A 319 3.64 -7.06 -15.37
CA ALA A 319 3.25 -5.72 -15.81
C ALA A 319 2.62 -5.75 -17.20
N GLN A 320 3.09 -6.63 -18.06
CA GLN A 320 2.54 -6.72 -19.40
C GLN A 320 1.14 -7.36 -19.33
N SER A 321 0.96 -8.33 -18.45
CA SER A 321 -0.33 -9.00 -18.29
C SER A 321 -1.37 -8.03 -17.76
N LEU A 322 -0.98 -7.21 -16.79
CA LEU A 322 -1.86 -6.24 -16.20
C LEU A 322 -2.24 -5.20 -17.26
N ARG A 323 -1.28 -4.82 -18.10
CA ARG A 323 -1.54 -3.83 -19.14
C ARG A 323 -2.57 -4.22 -20.18
N SER A 324 -2.58 -5.50 -20.53
CA SER A 324 -3.49 -6.03 -21.53
C SER A 324 -4.97 -5.70 -21.34
N LEU A 325 -5.43 -5.70 -20.10
CA LEU A 325 -6.83 -5.42 -19.83
C LEU A 325 -7.36 -4.02 -20.17
N HIS A 326 -6.77 -2.98 -19.60
CA HIS A 326 -7.21 -1.61 -19.85
C HIS A 326 -6.11 -0.69 -20.39
N GLY A 327 -4.94 -1.23 -20.67
CA GLY A 327 -3.85 -0.40 -21.18
C GLY A 327 -3.13 0.42 -20.14
N THR A 328 -3.30 0.06 -18.86
CA THR A 328 -2.66 0.78 -17.77
C THR A 328 -1.16 0.48 -17.78
N LYS A 329 -0.35 1.53 -17.75
CA LYS A 329 1.10 1.34 -17.77
C LYS A 329 1.75 1.42 -16.38
N TYR A 330 2.61 0.46 -16.10
CA TYR A 330 3.32 0.39 -14.83
C TYR A 330 4.82 0.46 -15.03
N LYS A 331 5.53 1.12 -14.12
CA LYS A 331 6.99 1.23 -14.20
C LYS A 331 7.45 0.03 -13.38
N VAL A 332 8.49 -0.64 -13.86
CA VAL A 332 9.02 -1.82 -13.18
C VAL A 332 10.51 -1.68 -12.78
N GLY A 333 10.87 -2.16 -11.59
CA GLY A 333 12.26 -2.08 -11.16
C GLY A 333 12.51 -2.18 -9.66
N PRO A 334 13.78 -2.21 -9.22
CA PRO A 334 14.13 -2.30 -7.81
C PRO A 334 13.62 -1.00 -7.18
N ILE A 335 13.25 -1.05 -5.91
CA ILE A 335 12.74 0.14 -5.22
C ILE A 335 13.63 1.37 -5.36
N CYS A 336 14.91 1.23 -5.06
CA CYS A 336 15.79 2.37 -5.16
C CYS A 336 15.86 3.02 -6.53
N SER A 337 15.69 2.23 -7.58
CA SER A 337 15.74 2.76 -8.94
C SER A 337 14.45 3.44 -9.34
N VAL A 338 13.33 2.81 -9.00
CA VAL A 338 12.00 3.33 -9.34
C VAL A 338 11.57 4.56 -8.55
N ILE A 339 11.84 4.56 -7.25
CA ILE A 339 11.46 5.70 -6.40
C ILE A 339 12.78 6.32 -5.96
N TYR A 340 13.41 5.72 -4.96
CA TYR A 340 14.68 6.16 -4.42
C TYR A 340 14.98 5.34 -3.16
N GLN A 341 16.07 5.67 -2.48
CA GLN A 341 16.46 4.96 -1.28
C GLN A 341 15.46 5.19 -0.12
N ALA A 342 15.00 4.08 0.46
CA ALA A 342 14.04 4.11 1.56
C ALA A 342 14.38 2.92 2.43
N SER A 343 14.60 3.15 3.72
CA SER A 343 14.95 2.08 4.67
C SER A 343 13.77 1.47 5.44
N GLY A 344 14.00 0.27 5.98
CA GLY A 344 13.00 -0.44 6.76
C GLY A 344 11.73 -0.93 6.06
N GLY A 345 11.83 -1.19 4.76
CA GLY A 345 10.69 -1.65 3.99
C GLY A 345 10.45 -3.13 4.17
N SER A 346 9.18 -3.54 4.06
CA SER A 346 8.82 -4.95 4.21
C SER A 346 9.41 -5.93 3.22
N ILE A 347 9.41 -5.61 1.91
CA ILE A 347 9.97 -6.55 0.93
C ILE A 347 11.46 -6.72 1.02
N ASP A 348 12.17 -5.76 1.63
CA ASP A 348 13.63 -5.85 1.76
C ASP A 348 13.89 -6.84 2.90
N TRP A 349 13.06 -6.78 3.94
CA TRP A 349 13.22 -7.70 5.07
C TRP A 349 12.86 -9.12 4.59
N SER A 350 11.74 -9.28 3.90
CA SER A 350 11.32 -10.60 3.42
C SER A 350 12.33 -11.22 2.49
N TYR A 351 12.92 -10.42 1.61
CA TYR A 351 13.91 -10.96 0.69
C TYR A 351 15.15 -11.40 1.47
N ASP A 352 15.64 -10.54 2.36
CA ASP A 352 16.81 -10.85 3.18
C ASP A 352 16.55 -12.04 4.07
N TYR A 353 15.28 -12.24 4.42
CA TYR A 353 14.92 -13.36 5.25
C TYR A 353 14.93 -14.66 4.42
N GLY A 354 14.95 -14.53 3.11
CA GLY A 354 14.96 -15.70 2.25
C GLY A 354 13.75 -15.89 1.33
N ILE A 355 12.84 -14.94 1.29
CA ILE A 355 11.65 -15.06 0.44
C ILE A 355 12.02 -14.34 -0.84
N LYS A 356 12.47 -15.13 -1.81
CA LYS A 356 12.90 -14.66 -3.12
C LYS A 356 11.91 -13.80 -3.90
N TYR A 357 10.68 -14.27 -3.99
CA TYR A 357 9.67 -13.54 -4.73
C TYR A 357 8.95 -12.51 -3.87
N SER A 358 9.64 -11.41 -3.61
CA SER A 358 9.10 -10.32 -2.81
C SER A 358 8.86 -9.13 -3.74
N PHE A 359 7.59 -8.71 -3.84
CA PHE A 359 7.19 -7.59 -4.70
C PHE A 359 6.23 -6.62 -4.01
N ALA A 360 6.28 -5.36 -4.45
CA ALA A 360 5.43 -4.33 -3.92
C ALA A 360 4.75 -3.65 -5.10
N PHE A 361 3.43 -3.49 -5.02
CA PHE A 361 2.65 -2.85 -6.07
C PHE A 361 2.18 -1.48 -5.56
N GLU A 362 2.23 -0.47 -6.43
CA GLU A 362 1.77 0.89 -6.09
C GLU A 362 0.68 1.01 -7.18
N LEU A 363 -0.57 0.85 -6.77
CA LEU A 363 -1.73 0.89 -7.68
C LEU A 363 -2.11 2.24 -8.30
N ARG A 364 -3.22 2.27 -9.04
CA ARG A 364 -3.70 3.50 -9.68
C ARG A 364 -3.91 4.60 -8.63
N ASP A 365 -3.79 5.88 -9.03
CA ASP A 365 -3.47 6.26 -10.40
C ASP A 365 -2.07 6.88 -10.42
N THR A 366 -1.87 7.91 -11.22
CA THR A 366 -0.54 8.53 -11.26
C THR A 366 -0.56 9.95 -10.67
N GLY A 367 -1.69 10.38 -10.12
CA GLY A 367 -1.77 11.71 -9.54
C GLY A 367 -3.04 12.52 -9.69
N ARG A 368 -3.78 12.30 -10.78
CA ARG A 368 -5.03 13.05 -10.99
C ARG A 368 -5.94 13.03 -9.77
N TYR A 369 -6.12 11.85 -9.17
CA TYR A 369 -6.96 11.73 -7.98
C TYR A 369 -6.12 11.33 -6.78
N GLY A 370 -5.00 10.66 -7.06
CA GLY A 370 -4.12 10.21 -5.99
C GLY A 370 -4.79 9.20 -5.08
N PHE A 371 -4.78 9.46 -3.77
CA PHE A 371 -5.39 8.59 -2.79
C PHE A 371 -6.90 8.62 -2.84
N LEU A 372 -7.46 9.69 -3.41
CA LEU A 372 -8.90 9.85 -3.52
C LEU A 372 -9.42 9.32 -4.85
N LEU A 373 -9.02 8.09 -5.19
CA LEU A 373 -9.43 7.46 -6.43
C LEU A 373 -10.94 7.22 -6.41
N PRO A 374 -11.67 7.70 -7.42
CA PRO A 374 -13.12 7.48 -7.41
C PRO A 374 -13.53 5.99 -7.38
N ALA A 375 -14.58 5.70 -6.64
CA ALA A 375 -15.07 4.34 -6.51
C ALA A 375 -15.24 3.62 -7.85
N ARG A 376 -15.65 4.34 -8.88
CA ARG A 376 -15.83 3.71 -10.19
C ARG A 376 -14.56 3.10 -10.80
N GLN A 377 -13.39 3.41 -10.22
CA GLN A 377 -12.14 2.87 -10.72
C GLN A 377 -11.68 1.66 -9.91
N ILE A 378 -12.39 1.33 -8.84
CA ILE A 378 -12.01 0.20 -8.00
C ILE A 378 -12.05 -1.13 -8.77
N LEU A 379 -13.16 -1.41 -9.47
CA LEU A 379 -13.25 -2.67 -10.22
C LEU A 379 -12.19 -2.80 -11.33
N PRO A 380 -12.03 -1.77 -12.18
CA PRO A 380 -11.02 -1.81 -13.25
C PRO A 380 -9.62 -2.04 -12.65
N THR A 381 -9.36 -1.39 -11.51
CA THR A 381 -8.07 -1.53 -10.81
C THR A 381 -7.86 -2.97 -10.31
N ALA A 382 -8.85 -3.52 -9.63
CA ALA A 382 -8.76 -4.89 -9.08
C ALA A 382 -8.64 -5.95 -10.18
N GLU A 383 -9.40 -5.80 -11.26
CA GLU A 383 -9.37 -6.75 -12.39
C GLU A 383 -8.01 -6.82 -13.07
N GLU A 384 -7.46 -5.66 -13.42
CA GLU A 384 -6.15 -5.65 -14.08
C GLU A 384 -5.03 -6.07 -13.12
N THR A 385 -5.17 -5.74 -11.83
CA THR A 385 -4.14 -6.10 -10.86
C THR A 385 -4.13 -7.60 -10.69
N TRP A 386 -5.30 -8.21 -10.81
CA TRP A 386 -5.41 -9.67 -10.67
C TRP A 386 -4.53 -10.38 -11.72
N LEU A 387 -4.50 -9.84 -12.94
CA LEU A 387 -3.68 -10.42 -14.02
C LEU A 387 -2.19 -10.41 -13.65
N GLY A 388 -1.74 -9.33 -13.03
CA GLY A 388 -0.36 -9.23 -12.63
C GLY A 388 -0.08 -10.19 -11.50
N LEU A 389 -0.98 -10.27 -10.53
CA LEU A 389 -0.80 -11.17 -9.37
C LEU A 389 -0.77 -12.63 -9.80
N LYS A 390 -1.68 -13.00 -10.70
CA LYS A 390 -1.77 -14.37 -11.20
C LYS A 390 -0.46 -14.76 -11.88
N ALA A 391 0.08 -13.86 -12.71
CA ALA A 391 1.33 -14.11 -13.42
C ALA A 391 2.47 -14.44 -12.43
N ILE A 392 2.55 -13.68 -11.34
CA ILE A 392 3.58 -13.90 -10.33
C ILE A 392 3.32 -15.26 -9.62
N MET A 393 2.07 -15.53 -9.26
CA MET A 393 1.69 -16.77 -8.59
C MET A 393 1.98 -18.03 -9.43
N GLU A 394 1.78 -17.94 -10.75
CA GLU A 394 2.02 -19.05 -11.66
C GLU A 394 3.52 -19.35 -11.67
N HIS A 395 4.33 -18.29 -11.65
CA HIS A 395 5.78 -18.46 -11.64
C HIS A 395 6.23 -19.14 -10.33
N VAL A 396 5.69 -18.68 -9.20
CA VAL A 396 6.06 -19.26 -7.91
C VAL A 396 5.72 -20.75 -7.93
N ARG A 397 4.53 -21.06 -8.44
CA ARG A 397 4.05 -22.45 -8.53
C ARG A 397 5.01 -23.31 -9.35
N ASP A 398 5.47 -22.77 -10.47
CA ASP A 398 6.38 -23.47 -11.36
C ASP A 398 7.84 -23.47 -10.99
N HIS A 399 8.24 -22.63 -10.04
CA HIS A 399 9.65 -22.56 -9.65
C HIS A 399 9.94 -22.76 -8.17
N PRO A 400 9.85 -24.01 -7.72
CA PRO A 400 10.08 -24.39 -6.32
C PRO A 400 11.52 -24.15 -5.90
N TYR A 401 11.70 -23.81 -4.63
CA TYR A 401 13.02 -23.56 -4.08
C TYR A 401 12.94 -23.73 -2.57
ZN ZN B . 1.85 2.91 0.80
#